data_2YIH
#
_entry.id   2YIH
#
_cell.length_a   83.530
_cell.length_b   83.530
_cell.length_c   157.140
_cell.angle_alpha   90.00
_cell.angle_beta   90.00
_cell.angle_gamma   120.00
#
_symmetry.space_group_name_H-M   'P 31 2 1'
#
loop_
_entity.id
_entity.type
_entity.pdbx_description
1 polymer CEL44C
2 branched beta-D-glucopyranose-(1-4)-[alpha-D-xylopyranose-(1-6)]beta-D-glucopyranose-(1-4)-beta-D-glucopyranose-(1-4)-beta-D-glucopyranose-(1-4)-beta-D-glucopyranose
3 non-polymer 'CALCIUM ION'
4 non-polymer 'CHLORIDE ION'
5 non-polymer 'SULFATE ION'
6 non-polymer 1,2-ETHANEDIOL
7 water water
#
_entity_poly.entity_id   1
_entity_poly.type   'polypeptide(L)'
_entity_poly.pdbx_seq_one_letter_code
;VVHGQTAKTITIKVDTFKDRKPISPYIYGTNQDLAGDENMAARRLGGNRMTGYNWENNMSNAGSDWQHSSDNYLCSNGGL
TQAECEKPGAVVTSFHDQSLKLGTYSLVTLPMAGYVAADGNGSVQESEAAPSARWNQVVNAKNAPFQLQPDLNDNYVYVD
EFVHFLVNKYGTASTKAGVKGYALDNEPALWSHTHPRIHPEKVGAKELVDRSVSLSKAVKAIDAGAEVFGPVLYGFGAYK
DLQTAPDWDSVKGNYSWFVDYYLDQMRLSSQVEGKRLLDVFDVHWYPEAMGGGIRITNEVGNDETKKARMQAPRTLWDPT
YKEDSWIAQWFSEFLPILPRLKQSVDKYYPGTKLAMTSYSYGGENDISGGIAMTDVLGILGKNDVYMANYWKLKDGVNNY
VSAAYKLYRNYDGKNSTFGDTSVSAQTSDIVNSSVHASVTNASDKELHLVVMNKSMDSAFDAQFDLSGAKTYISGKVWGF
DKNSSQIKEAAPITQISGNRFTYTVPPLTAYHIVLTTGNYTSPV
;
_entity_poly.pdbx_strand_id   A
#
loop_
_chem_comp.id
_chem_comp.type
_chem_comp.name
_chem_comp.formula
BGC D-saccharide, beta linking beta-D-glucopyranose 'C6 H12 O6'
CA non-polymer 'CALCIUM ION' 'Ca 2'
CL non-polymer 'CHLORIDE ION' 'Cl -1'
EDO non-polymer 1,2-ETHANEDIOL 'C2 H6 O2'
SO4 non-polymer 'SULFATE ION' 'O4 S -2'
XYS D-saccharide, alpha linking alpha-D-xylopyranose 'C5 H10 O5'
#
# COMPACT_ATOMS: atom_id res chain seq x y z
N LYS A 8 -21.87 25.68 -14.06
CA LYS A 8 -21.63 24.28 -14.50
C LYS A 8 -22.41 23.32 -13.58
N THR A 9 -23.23 22.43 -14.15
CA THR A 9 -23.88 21.38 -13.38
C THR A 9 -23.31 20.03 -13.80
N ILE A 10 -23.07 19.15 -12.83
CA ILE A 10 -22.77 17.77 -13.18
C ILE A 10 -23.84 16.90 -12.53
N THR A 11 -24.17 15.77 -13.16
CA THR A 11 -25.15 14.89 -12.56
C THR A 11 -24.46 13.61 -12.01
N ILE A 12 -24.91 13.19 -10.84
CA ILE A 12 -24.30 12.05 -10.15
C ILE A 12 -25.41 11.10 -9.76
N LYS A 13 -25.29 9.83 -10.20
CA LYS A 13 -26.35 8.84 -9.94
C LYS A 13 -25.79 7.81 -8.98
N VAL A 14 -26.44 7.63 -7.84
CA VAL A 14 -25.98 6.65 -6.85
C VAL A 14 -27.09 5.62 -6.69
N ASP A 15 -26.75 4.34 -6.85
CA ASP A 15 -27.73 3.25 -6.73
C ASP A 15 -27.24 2.24 -5.69
N THR A 16 -27.81 2.32 -4.50
CA THR A 16 -27.36 1.51 -3.36
C THR A 16 -27.65 0.03 -3.57
N PHE A 17 -28.46 -0.30 -4.57
CA PHE A 17 -28.76 -1.69 -4.89
C PHE A 17 -27.73 -2.28 -5.83
N LYS A 18 -26.97 -1.42 -6.52
CA LYS A 18 -26.22 -1.81 -7.72
C LYS A 18 -24.70 -1.97 -7.43
N ASP A 19 -24.11 -3.04 -7.97
CA ASP A 19 -22.66 -3.26 -7.87
C ASP A 19 -22.13 -3.22 -6.44
N ARG A 20 -22.90 -3.74 -5.49
CA ARG A 20 -22.43 -3.83 -4.12
C ARG A 20 -21.19 -4.73 -4.09
N LYS A 21 -20.17 -4.30 -3.38
CA LYS A 21 -18.99 -5.16 -3.20
C LYS A 21 -18.23 -4.73 -1.99
N PRO A 22 -17.56 -5.67 -1.33
CA PRO A 22 -16.92 -5.34 -0.05
C PRO A 22 -15.66 -4.52 -0.26
N ILE A 23 -15.49 -3.50 0.55
CA ILE A 23 -14.26 -2.71 0.55
C ILE A 23 -13.36 -3.27 1.65
N SER A 24 -12.22 -3.85 1.27
CA SER A 24 -11.31 -4.38 2.28
C SER A 24 -10.79 -3.23 3.14
N PRO A 25 -10.92 -3.35 4.48
CA PRO A 25 -10.50 -2.19 5.28
C PRO A 25 -9.02 -2.00 5.16
N TYR A 26 -8.28 -3.00 4.68
CA TYR A 26 -6.80 -2.82 4.66
C TYR A 26 -6.30 -1.93 3.52
N ILE A 27 -7.21 -1.42 2.69
CA ILE A 27 -6.84 -0.35 1.76
C ILE A 27 -6.57 0.98 2.48
N TYR A 28 -7.04 1.09 3.72
CA TYR A 28 -6.66 2.22 4.59
C TYR A 28 -5.41 1.88 5.38
N GLY A 29 -4.27 1.97 4.72
CA GLY A 29 -3.07 1.41 5.30
C GLY A 29 -1.91 2.32 5.05
N THR A 30 -0.86 2.12 5.83
CA THR A 30 0.31 2.97 5.65
C THR A 30 1.59 2.21 5.96
N ASN A 31 2.70 2.83 5.55
CA ASN A 31 4.04 2.40 5.96
C ASN A 31 4.43 3.21 7.19
N GLN A 32 4.93 4.43 6.97
CA GLN A 32 5.20 5.31 8.12
C GLN A 32 3.90 5.71 8.76
N ASP A 33 3.81 5.66 10.08
CA ASP A 33 2.66 6.30 10.70
C ASP A 33 2.61 7.79 10.39
N LEU A 34 1.41 8.32 10.18
CA LEU A 34 1.24 9.76 9.87
C LEU A 34 0.92 10.54 11.15
N ALA A 35 -0.17 11.31 11.17
CA ALA A 35 -0.47 12.12 12.37
C ALA A 35 -0.93 11.29 13.55
N GLY A 36 -1.57 10.16 13.26
CA GLY A 36 -2.01 9.25 14.31
C GLY A 36 -3.50 9.25 14.52
N ASP A 37 -4.21 10.14 13.84
CA ASP A 37 -5.65 10.16 13.93
C ASP A 37 -6.34 9.82 12.61
N GLU A 38 -5.63 9.06 11.77
CA GLU A 38 -6.20 8.69 10.48
C GLU A 38 -7.08 7.45 10.61
N ASN A 39 -7.01 6.76 11.76
CA ASN A 39 -7.80 5.51 11.96
C ASN A 39 -7.52 4.47 10.86
N MET A 40 -6.23 4.24 10.62
CA MET A 40 -5.75 3.22 9.68
C MET A 40 -6.25 1.83 10.13
N ALA A 41 -6.36 0.91 9.18
CA ALA A 41 -6.68 -0.50 9.46
C ALA A 41 -5.51 -1.44 9.19
N ALA A 42 -4.45 -0.91 8.57
CA ALA A 42 -3.32 -1.78 8.21
C ALA A 42 -2.00 -1.00 8.32
N ARG A 43 -0.98 -1.66 8.88
CA ARG A 43 0.35 -1.06 8.99
C ARG A 43 1.38 -2.01 8.41
N ARG A 44 2.39 -1.49 7.71
CA ARG A 44 3.42 -2.33 7.10
C ARG A 44 4.77 -1.92 7.67
N LEU A 45 5.60 -2.92 7.96
CA LEU A 45 7.01 -2.68 8.31
C LEU A 45 7.80 -3.23 7.10
N GLY A 46 8.22 -2.33 6.24
CA GLY A 46 8.83 -2.74 4.97
C GLY A 46 9.60 -1.63 4.34
N GLY A 47 9.99 -1.81 3.07
CA GLY A 47 10.87 -0.87 2.42
C GLY A 47 12.34 -1.23 2.52
N ASN A 48 13.20 -0.35 2.02
CA ASN A 48 14.61 -0.74 1.77
C ASN A 48 15.32 -1.20 3.06
N ARG A 49 15.01 -0.56 4.19
CA ARG A 49 15.71 -0.94 5.44
C ARG A 49 15.44 -2.36 5.88
N MET A 50 14.32 -2.96 5.43
CA MET A 50 13.99 -4.27 5.96
C MET A 50 14.73 -5.43 5.31
N THR A 51 15.33 -5.18 4.14
CA THR A 51 16.06 -6.26 3.43
C THR A 51 17.20 -6.81 4.30
N GLY A 52 17.98 -5.90 4.88
CA GLY A 52 19.09 -6.31 5.75
C GLY A 52 18.87 -6.18 7.24
N TYR A 53 17.60 -6.11 7.66
CA TYR A 53 17.29 -6.05 9.09
C TYR A 53 17.55 -7.41 9.78
N ASN A 54 18.33 -7.35 10.85
CA ASN A 54 18.74 -8.52 11.63
C ASN A 54 17.91 -8.52 12.91
N TRP A 55 16.97 -9.45 13.05
CA TRP A 55 16.09 -9.43 14.22
C TRP A 55 16.82 -9.62 15.55
N GLU A 56 17.96 -10.32 15.51
CA GLU A 56 18.66 -10.65 16.75
C GLU A 56 19.19 -9.41 17.45
N ASN A 57 19.69 -8.45 16.67
CA ASN A 57 20.27 -7.24 17.28
C ASN A 57 19.59 -5.94 16.84
N ASN A 58 18.60 -6.05 15.95
CA ASN A 58 17.84 -4.89 15.40
C ASN A 58 18.62 -3.96 14.47
N MET A 59 19.83 -4.37 14.07
CA MET A 59 20.62 -3.61 13.12
C MET A 59 20.10 -3.78 11.72
N SER A 60 20.32 -2.77 10.89
CA SER A 60 19.89 -2.88 9.47
C SER A 60 20.82 -2.01 8.65
N ASN A 61 20.70 -2.10 7.33
CA ASN A 61 21.55 -1.34 6.42
C ASN A 61 20.73 -0.51 5.43
N ALA A 62 21.10 0.77 5.34
CA ALA A 62 20.42 1.77 4.48
C ALA A 62 20.60 1.48 3.01
N GLY A 63 21.66 0.76 2.64
CA GLY A 63 21.99 0.61 1.24
C GLY A 63 22.23 1.97 0.58
N SER A 64 21.88 2.10 -0.69
CA SER A 64 22.20 3.30 -1.46
C SER A 64 21.48 4.54 -0.94
N ASP A 65 20.46 4.35 -0.10
CA ASP A 65 19.79 5.49 0.51
C ASP A 65 20.69 6.32 1.43
N TRP A 66 21.62 5.65 2.13
CA TRP A 66 22.53 6.39 3.00
C TRP A 66 23.80 5.62 3.23
N GLN A 67 24.81 5.82 2.37
CA GLN A 67 26.18 5.39 2.69
C GLN A 67 26.37 3.88 2.84
N HIS A 68 25.40 3.09 2.40
CA HIS A 68 25.37 1.67 2.73
C HIS A 68 25.70 1.45 4.20
N SER A 69 25.03 2.22 5.05
CA SER A 69 25.37 2.31 6.46
C SER A 69 24.60 1.24 7.24
N SER A 70 25.30 0.47 8.06
CA SER A 70 24.67 -0.41 9.05
C SER A 70 24.54 0.34 10.36
N ASP A 71 23.34 0.38 10.92
CA ASP A 71 23.15 1.16 12.13
C ASP A 71 21.80 0.87 12.76
N ASN A 72 21.50 1.58 13.84
CA ASN A 72 20.28 1.36 14.63
C ASN A 72 19.09 2.22 14.17
N TYR A 73 19.08 2.65 12.91
CA TYR A 73 18.01 3.53 12.43
C TYR A 73 16.62 2.98 12.77
N LEU A 74 16.39 1.68 12.58
CA LEU A 74 15.01 1.18 12.72
C LEU A 74 14.57 1.25 14.20
N CYS A 75 15.54 1.16 15.11
CA CYS A 75 15.23 1.37 16.54
C CYS A 75 14.82 2.83 16.77
N SER A 76 15.62 3.75 16.23
CA SER A 76 15.30 5.18 16.27
CA SER A 76 15.29 5.17 16.29
C SER A 76 13.91 5.47 15.69
N ASN A 77 13.68 4.99 14.48
CA ASN A 77 12.41 5.18 13.80
C ASN A 77 11.21 4.64 14.60
N GLY A 78 11.40 3.51 15.27
CA GLY A 78 10.34 2.90 16.06
C GLY A 78 10.19 3.51 17.44
N GLY A 79 11.09 4.44 17.79
CA GLY A 79 11.06 5.11 19.11
C GLY A 79 11.60 4.29 20.26
N LEU A 80 12.47 3.32 19.96
CA LEU A 80 13.01 2.46 20.99
CA LEU A 80 13.02 2.44 20.99
C LEU A 80 14.15 3.18 21.72
N THR A 81 14.27 2.93 23.01
CA THR A 81 15.45 3.33 23.76
C THR A 81 16.66 2.53 23.34
N GLN A 82 17.84 3.03 23.70
CA GLN A 82 19.08 2.25 23.53
C GLN A 82 18.98 0.87 24.16
N ALA A 83 18.37 0.77 25.35
CA ALA A 83 18.22 -0.52 25.99
C ALA A 83 17.24 -1.43 25.25
N GLU A 84 16.12 -0.87 24.78
CA GLU A 84 15.16 -1.66 24.04
C GLU A 84 15.73 -2.20 22.74
N CYS A 85 16.60 -1.39 22.11
CA CYS A 85 17.25 -1.76 20.84
C CYS A 85 18.17 -2.99 20.99
N GLU A 86 18.62 -3.24 22.22
CA GLU A 86 19.40 -4.46 22.47
C GLU A 86 18.60 -5.75 22.58
N LYS A 87 17.27 -5.67 22.71
CA LYS A 87 16.46 -6.88 22.89
C LYS A 87 16.06 -7.49 21.57
N PRO A 88 16.32 -8.80 21.38
CA PRO A 88 15.98 -9.45 20.10
C PRO A 88 14.55 -9.19 19.71
N GLY A 89 14.39 -8.80 18.44
CA GLY A 89 13.08 -8.67 17.82
C GLY A 89 12.37 -7.37 18.18
N ALA A 90 13.01 -6.50 18.97
CA ALA A 90 12.29 -5.34 19.57
C ALA A 90 11.72 -4.36 18.54
N VAL A 91 12.40 -4.16 17.41
CA VAL A 91 11.81 -3.26 16.39
C VAL A 91 10.45 -3.83 15.92
N VAL A 92 10.42 -5.15 15.72
CA VAL A 92 9.21 -5.78 15.18
C VAL A 92 8.13 -5.91 16.25
N THR A 93 8.51 -6.31 17.46
CA THR A 93 7.54 -6.43 18.52
C THR A 93 6.99 -5.06 18.95
N SER A 94 7.83 -4.03 19.00
CA SER A 94 7.31 -2.71 19.30
C SER A 94 6.31 -2.25 18.20
N PHE A 95 6.64 -2.55 16.96
CA PHE A 95 5.78 -2.23 15.81
C PHE A 95 4.44 -2.97 15.99
N HIS A 96 4.49 -4.26 16.26
CA HIS A 96 3.26 -5.05 16.32
C HIS A 96 2.46 -4.69 17.58
N ASP A 97 3.15 -4.39 18.68
CA ASP A 97 2.42 -3.93 19.89
C ASP A 97 1.58 -2.69 19.55
N GLN A 98 2.15 -1.80 18.76
CA GLN A 98 1.42 -0.62 18.31
C GLN A 98 0.23 -1.00 17.41
N SER A 99 0.41 -1.97 16.51
CA SER A 99 -0.73 -2.44 15.72
C SER A 99 -1.85 -2.98 16.62
N LEU A 100 -1.47 -3.76 17.63
CA LEU A 100 -2.45 -4.32 18.56
C LEU A 100 -3.24 -3.20 19.27
N LYS A 101 -2.53 -2.14 19.67
CA LYS A 101 -3.13 -0.99 20.36
C LYS A 101 -4.10 -0.27 19.43
N LEU A 102 -3.75 -0.17 18.15
CA LEU A 102 -4.50 0.61 17.18
C LEU A 102 -5.53 -0.24 16.44
N GLY A 103 -5.50 -1.56 16.66
CA GLY A 103 -6.37 -2.49 15.95
C GLY A 103 -6.08 -2.68 14.45
N THR A 104 -4.81 -2.65 14.08
CA THR A 104 -4.47 -2.76 12.65
C THR A 104 -3.86 -4.14 12.34
N TYR A 105 -4.00 -4.56 11.09
CA TYR A 105 -3.22 -5.68 10.54
C TYR A 105 -1.74 -5.30 10.61
N SER A 106 -0.85 -6.27 10.87
CA SER A 106 0.58 -6.02 10.71
C SER A 106 1.14 -6.86 9.57
N LEU A 107 1.80 -6.19 8.64
CA LEU A 107 2.58 -6.88 7.59
C LEU A 107 4.05 -6.66 7.88
N VAL A 108 4.77 -7.74 8.15
CA VAL A 108 6.17 -7.69 8.55
C VAL A 108 7.08 -8.29 7.44
N THR A 109 8.06 -7.53 7.00
CA THR A 109 8.98 -8.04 5.98
C THR A 109 10.01 -8.98 6.60
N LEU A 110 10.36 -10.00 5.82
CA LEU A 110 11.38 -11.01 6.21
C LEU A 110 12.48 -10.90 5.18
N PRO A 111 13.72 -11.26 5.55
CA PRO A 111 14.85 -11.01 4.63
C PRO A 111 15.04 -12.17 3.62
N MET A 112 15.39 -11.84 2.37
CA MET A 112 15.57 -12.88 1.37
C MET A 112 16.78 -12.61 0.44
N ALA A 113 17.38 -11.43 0.54
CA ALA A 113 18.48 -11.11 -0.37
C ALA A 113 19.74 -11.90 -0.03
N GLY A 114 19.84 -12.33 1.23
CA GLY A 114 20.71 -13.44 1.63
C GLY A 114 21.55 -13.16 2.88
N TYR A 115 21.70 -11.88 3.23
CA TYR A 115 22.44 -11.48 4.43
C TYR A 115 21.73 -10.34 5.18
N VAL A 116 22.07 -10.22 6.46
CA VAL A 116 21.56 -9.11 7.27
C VAL A 116 22.72 -8.46 8.04
N ALA A 117 22.50 -7.22 8.48
CA ALA A 117 23.57 -6.46 9.17
C ALA A 117 24.06 -7.14 10.44
N ALA A 118 25.39 -7.32 10.54
CA ALA A 118 25.96 -7.96 11.72
C ALA A 118 26.20 -6.96 12.84
N ASP A 119 26.28 -5.67 12.50
CA ASP A 119 26.65 -4.66 13.51
C ASP A 119 25.95 -3.33 13.19
N GLY A 120 26.24 -2.31 14.00
CA GLY A 120 25.82 -0.95 13.71
C GLY A 120 26.97 0.01 13.47
N ASN A 121 28.01 -0.44 12.77
CA ASN A 121 29.28 0.30 12.70
C ASN A 121 29.40 1.15 11.41
N GLY A 122 28.28 1.45 10.75
CA GLY A 122 28.25 2.43 9.65
C GLY A 122 28.57 1.91 8.25
N SER A 123 29.14 2.77 7.41
CA SER A 123 29.24 2.49 5.99
CA SER A 123 29.25 2.50 5.98
C SER A 123 29.98 1.19 5.70
N VAL A 124 29.46 0.46 4.71
CA VAL A 124 30.06 -0.77 4.25
C VAL A 124 30.59 -0.50 2.83
N GLN A 125 31.91 -0.58 2.68
CA GLN A 125 32.56 -0.30 1.39
C GLN A 125 32.43 -1.46 0.39
N GLU A 126 32.67 -1.18 -0.91
CA GLU A 126 32.46 -2.16 -1.96
C GLU A 126 33.14 -3.51 -1.69
N SER A 127 34.38 -3.46 -1.25
CA SER A 127 35.10 -4.72 -1.01
C SER A 127 34.67 -5.42 0.29
N GLU A 128 33.83 -4.75 1.07
CA GLU A 128 33.26 -5.32 2.32
C GLU A 128 31.87 -5.93 2.09
N ALA A 129 31.50 -6.09 0.81
CA ALA A 129 30.25 -6.73 0.44
C ALA A 129 30.20 -8.13 1.02
N ALA A 130 28.97 -8.61 1.23
CA ALA A 130 28.77 -9.96 1.77
C ALA A 130 29.31 -11.03 0.82
N PRO A 131 29.92 -12.10 1.37
CA PRO A 131 30.14 -12.31 2.80
C PRO A 131 31.35 -11.50 3.32
N SER A 132 31.20 -10.98 4.53
CA SER A 132 32.29 -10.32 5.24
C SER A 132 31.90 -10.15 6.70
N ALA A 133 32.84 -9.64 7.50
CA ALA A 133 32.58 -9.36 8.92
C ALA A 133 31.36 -8.49 9.20
N ARG A 134 30.97 -7.71 8.19
CA ARG A 134 29.84 -6.79 8.37
C ARG A 134 28.46 -7.48 8.23
N TRP A 135 28.46 -8.77 7.91
CA TRP A 135 27.22 -9.44 7.49
C TRP A 135 27.07 -10.79 8.13
N ASN A 136 25.83 -11.11 8.51
CA ASN A 136 25.48 -12.47 8.90
C ASN A 136 24.64 -13.10 7.81
N GLN A 137 24.75 -14.41 7.65
CA GLN A 137 24.01 -15.12 6.60
C GLN A 137 22.60 -15.43 7.08
N VAL A 138 21.63 -15.26 6.18
CA VAL A 138 20.23 -15.68 6.43
C VAL A 138 20.05 -17.19 6.13
N VAL A 139 19.44 -17.91 7.06
CA VAL A 139 19.07 -19.32 6.82
C VAL A 139 17.58 -19.40 7.12
N ASN A 140 16.83 -19.98 6.18
CA ASN A 140 15.37 -19.95 6.30
C ASN A 140 14.88 -20.88 7.37
N ALA A 141 15.43 -22.10 7.39
CA ALA A 141 15.00 -23.13 8.37
C ALA A 141 16.18 -23.63 9.24
N LYS A 142 16.08 -23.37 10.54
CA LYS A 142 17.16 -23.66 11.46
C LYS A 142 17.47 -25.16 11.57
N ASN A 143 16.42 -25.97 11.50
CA ASN A 143 16.61 -27.44 11.71
C ASN A 143 17.39 -27.75 13.00
N ALA A 144 17.02 -27.07 14.07
CA ALA A 144 17.62 -27.28 15.40
C ALA A 144 16.66 -26.64 16.37
N PRO A 145 16.83 -26.92 17.68
CA PRO A 145 15.85 -26.37 18.62
C PRO A 145 15.86 -24.85 18.57
N PHE A 146 14.68 -24.25 18.52
CA PHE A 146 14.57 -22.79 18.50
C PHE A 146 14.94 -22.20 19.86
N GLN A 147 15.55 -21.02 19.83
CA GLN A 147 15.86 -20.27 21.04
C GLN A 147 15.03 -18.99 21.00
N LEU A 148 14.37 -18.66 22.10
CA LEU A 148 13.77 -17.33 22.22
C LEU A 148 14.81 -16.24 22.41
N GLN A 149 15.97 -16.62 22.93
CA GLN A 149 17.14 -15.73 23.06
C GLN A 149 18.15 -16.25 22.03
N PRO A 150 18.14 -15.70 20.80
CA PRO A 150 18.96 -16.31 19.75
C PRO A 150 20.45 -16.17 20.00
N ASP A 151 21.24 -17.00 19.30
CA ASP A 151 22.69 -16.97 19.47
C ASP A 151 23.23 -15.73 18.78
N LEU A 152 23.80 -14.82 19.59
CA LEU A 152 24.36 -13.58 19.05
C LEU A 152 25.80 -13.72 18.54
N ASN A 153 26.42 -14.88 18.79
CA ASN A 153 27.85 -15.05 18.57
C ASN A 153 28.18 -15.84 17.31
N ASP A 154 27.15 -16.32 16.62
CA ASP A 154 27.40 -17.06 15.39
C ASP A 154 27.22 -16.16 14.18
N ASN A 155 27.33 -16.74 12.99
CA ASN A 155 27.27 -15.93 11.76
C ASN A 155 25.93 -16.02 11.04
N TYR A 156 24.87 -16.40 11.77
CA TYR A 156 23.61 -16.77 11.14
C TYR A 156 22.46 -16.03 11.75
N VAL A 157 21.42 -15.84 10.96
CA VAL A 157 20.13 -15.44 11.53
C VAL A 157 19.11 -16.39 10.90
N TYR A 158 18.24 -16.98 11.71
CA TYR A 158 17.34 -18.02 11.21
C TYR A 158 15.95 -17.45 11.10
N VAL A 159 15.35 -17.50 9.92
CA VAL A 159 14.08 -16.77 9.75
C VAL A 159 12.96 -17.51 10.46
N ASP A 160 12.95 -18.84 10.39
CA ASP A 160 11.86 -19.55 11.05
C ASP A 160 11.91 -19.45 12.58
N GLU A 161 13.12 -19.28 13.12
CA GLU A 161 13.30 -18.99 14.54
C GLU A 161 12.65 -17.67 14.92
N PHE A 162 12.78 -16.68 14.05
CA PHE A 162 12.17 -15.41 14.30
C PHE A 162 10.63 -15.56 14.25
N VAL A 163 10.12 -16.25 13.23
CA VAL A 163 8.68 -16.45 13.16
C VAL A 163 8.18 -17.22 14.39
N HIS A 164 8.93 -18.23 14.81
CA HIS A 164 8.57 -18.92 16.05
C HIS A 164 8.51 -18.00 17.27
N PHE A 165 9.49 -17.09 17.37
CA PHE A 165 9.55 -16.07 18.43
C PHE A 165 8.28 -15.21 18.45
N LEU A 166 7.83 -14.76 17.28
CA LEU A 166 6.62 -13.94 17.18
C LEU A 166 5.39 -14.76 17.59
N VAL A 167 5.31 -16.00 17.10
CA VAL A 167 4.15 -16.84 17.41
C VAL A 167 4.13 -17.18 18.91
N ASN A 168 5.31 -17.37 19.49
CA ASN A 168 5.39 -17.64 20.92
C ASN A 168 4.83 -16.46 21.73
N LYS A 169 5.09 -15.24 21.27
CA LYS A 169 4.64 -14.05 21.98
C LYS A 169 3.16 -13.73 21.73
N TYR A 170 2.71 -13.91 20.49
CA TYR A 170 1.44 -13.31 20.05
C TYR A 170 0.38 -14.31 19.66
N GLY A 171 0.77 -15.58 19.55
CA GLY A 171 -0.07 -16.59 18.91
C GLY A 171 0.03 -16.58 17.40
N THR A 172 -0.73 -17.44 16.74
CA THR A 172 -0.65 -17.53 15.28
C THR A 172 -1.50 -16.47 14.58
N ALA A 173 -1.30 -16.31 13.29
CA ALA A 173 -2.02 -15.33 12.48
C ALA A 173 -3.55 -15.45 12.62
N SER A 174 -4.03 -16.66 12.82
CA SER A 174 -5.47 -16.94 12.90
CA SER A 174 -5.47 -16.89 12.87
C SER A 174 -6.08 -16.40 14.18
N THR A 175 -5.23 -16.02 15.12
CA THR A 175 -5.71 -15.48 16.40
C THR A 175 -5.82 -13.97 16.33
N LYS A 176 -6.51 -13.40 17.31
CA LYS A 176 -6.72 -11.96 17.34
C LYS A 176 -5.40 -11.18 17.40
N ALA A 177 -4.42 -11.72 18.12
CA ALA A 177 -3.21 -10.98 18.46
C ALA A 177 -2.05 -11.30 17.51
N GLY A 178 -2.26 -12.24 16.59
CA GLY A 178 -1.14 -12.75 15.80
C GLY A 178 -0.68 -11.76 14.75
N VAL A 179 0.59 -11.90 14.34
CA VAL A 179 1.10 -11.17 13.17
C VAL A 179 0.50 -11.86 11.94
N LYS A 180 -0.21 -11.11 11.11
CA LYS A 180 -1.01 -11.75 10.06
C LYS A 180 -0.32 -11.95 8.72
N GLY A 181 0.60 -11.04 8.39
CA GLY A 181 1.22 -11.07 7.07
C GLY A 181 2.75 -10.98 7.12
N TYR A 182 3.40 -11.71 6.21
CA TYR A 182 4.87 -11.61 6.05
C TYR A 182 5.17 -11.37 4.60
N ALA A 183 6.14 -10.49 4.33
CA ALA A 183 6.49 -10.15 2.96
C ALA A 183 7.87 -10.73 2.67
N LEU A 184 8.01 -11.20 1.42
CA LEU A 184 9.25 -11.79 0.92
C LEU A 184 10.20 -10.66 0.48
N ASP A 185 10.88 -10.09 1.48
CA ASP A 185 11.86 -9.00 1.28
C ASP A 185 11.14 -7.81 0.61
N ASN A 186 11.87 -7.05 -0.22
CA ASN A 186 11.43 -5.76 -0.70
C ASN A 186 12.17 -5.47 -2.00
N GLU A 187 11.42 -5.26 -3.08
CA GLU A 187 11.96 -4.77 -4.36
C GLU A 187 13.20 -5.55 -4.83
N PRO A 188 13.03 -6.86 -5.05
CA PRO A 188 14.18 -7.72 -5.43
C PRO A 188 14.89 -7.30 -6.74
N ALA A 189 14.16 -6.75 -7.71
CA ALA A 189 14.78 -6.31 -8.98
C ALA A 189 15.64 -5.07 -8.78
N LEU A 190 15.53 -4.46 -7.58
CA LEU A 190 16.42 -3.36 -7.18
C LEU A 190 17.49 -3.76 -6.18
N TRP A 191 17.55 -5.03 -5.79
CA TRP A 191 18.60 -5.43 -4.84
C TRP A 191 19.97 -4.98 -5.33
N SER A 192 20.27 -5.16 -6.61
CA SER A 192 21.65 -4.86 -7.06
C SER A 192 21.93 -3.37 -7.12
N HIS A 193 20.88 -2.56 -7.09
CA HIS A 193 21.06 -1.11 -7.09
C HIS A 193 20.99 -0.51 -5.67
N THR A 194 19.97 -0.91 -4.92
CA THR A 194 19.76 -0.42 -3.54
C THR A 194 20.68 -1.09 -2.55
N HIS A 195 20.88 -2.39 -2.72
CA HIS A 195 21.65 -3.19 -1.75
C HIS A 195 22.79 -3.98 -2.42
N PRO A 196 23.66 -3.28 -3.14
CA PRO A 196 24.76 -3.98 -3.81
C PRO A 196 25.76 -4.62 -2.84
N ARG A 197 25.83 -4.11 -1.61
CA ARG A 197 26.70 -4.76 -0.62
C ARG A 197 26.14 -6.10 -0.16
N ILE A 198 24.84 -6.35 -0.39
CA ILE A 198 24.24 -7.62 0.00
C ILE A 198 24.15 -8.59 -1.20
N HIS A 199 23.72 -8.07 -2.32
CA HIS A 199 23.43 -8.90 -3.52
C HIS A 199 23.80 -8.11 -4.78
N PRO A 200 25.11 -8.04 -5.08
CA PRO A 200 25.63 -7.14 -6.17
C PRO A 200 25.14 -7.54 -7.59
N GLU A 201 24.82 -8.83 -7.80
CA GLU A 201 24.38 -9.27 -9.13
C GLU A 201 22.88 -9.00 -9.30
N LYS A 202 22.46 -8.70 -10.52
CA LYS A 202 21.03 -8.55 -10.78
C LYS A 202 20.31 -9.86 -10.46
N VAL A 203 19.24 -9.80 -9.68
CA VAL A 203 18.46 -11.00 -9.36
C VAL A 203 17.94 -11.71 -10.62
N GLY A 204 17.99 -13.04 -10.62
CA GLY A 204 17.37 -13.83 -11.71
C GLY A 204 15.90 -14.07 -11.49
N ALA A 205 15.15 -14.32 -12.56
CA ALA A 205 13.73 -14.69 -12.43
C ALA A 205 13.59 -16.03 -11.73
N LYS A 206 14.36 -17.04 -12.16
CA LYS A 206 14.31 -18.33 -11.49
C LYS A 206 14.86 -18.23 -10.08
N GLU A 207 15.96 -17.49 -9.92
CA GLU A 207 16.51 -17.24 -8.57
C GLU A 207 15.43 -16.72 -7.61
N LEU A 208 14.71 -15.70 -8.06
CA LEU A 208 13.69 -15.07 -7.22
C LEU A 208 12.63 -16.09 -6.81
N VAL A 209 12.15 -16.87 -7.77
CA VAL A 209 11.16 -17.91 -7.44
C VAL A 209 11.72 -18.92 -6.44
N ASP A 210 12.94 -19.40 -6.68
CA ASP A 210 13.56 -20.35 -5.76
C ASP A 210 13.73 -19.80 -4.34
N ARG A 211 14.21 -18.55 -4.22
CA ARG A 211 14.38 -17.93 -2.90
C ARG A 211 13.04 -17.79 -2.21
N SER A 212 12.02 -17.46 -2.99
CA SER A 212 10.66 -17.24 -2.48
C SER A 212 10.03 -18.53 -1.98
N VAL A 213 10.17 -19.59 -2.77
CA VAL A 213 9.62 -20.89 -2.35
C VAL A 213 10.30 -21.39 -1.09
N SER A 214 11.63 -21.26 -1.02
CA SER A 214 12.34 -21.68 0.19
C SER A 214 11.92 -20.91 1.44
N LEU A 215 11.76 -19.59 1.33
CA LEU A 215 11.44 -18.77 2.50
C LEU A 215 9.96 -19.02 2.89
N SER A 216 9.09 -19.07 1.88
CA SER A 216 7.67 -19.23 2.15
C SER A 216 7.43 -20.57 2.84
N LYS A 217 8.08 -21.63 2.35
CA LYS A 217 7.95 -22.94 3.03
C LYS A 217 8.35 -22.87 4.49
N ALA A 218 9.45 -22.20 4.77
CA ALA A 218 9.93 -22.11 6.15
C ALA A 218 8.93 -21.39 7.03
N VAL A 219 8.35 -20.31 6.52
CA VAL A 219 7.36 -19.55 7.30
C VAL A 219 6.09 -20.38 7.56
N LYS A 220 5.59 -21.01 6.51
CA LYS A 220 4.32 -21.71 6.54
C LYS A 220 4.46 -22.92 7.45
N ALA A 221 5.70 -23.42 7.61
CA ALA A 221 5.93 -24.53 8.56
C ALA A 221 5.75 -24.12 10.02
N ILE A 222 5.95 -22.83 10.30
CA ILE A 222 5.67 -22.30 11.63
C ILE A 222 4.22 -21.85 11.78
N ASP A 223 3.69 -21.16 10.76
CA ASP A 223 2.34 -20.59 10.84
C ASP A 223 1.68 -20.70 9.48
N ALA A 224 0.88 -21.74 9.31
CA ALA A 224 0.24 -22.02 8.02
C ALA A 224 -0.80 -20.95 7.66
N GLY A 225 -1.31 -20.26 8.67
CA GLY A 225 -2.36 -19.28 8.45
C GLY A 225 -1.83 -17.90 8.10
N ALA A 226 -0.52 -17.69 8.26
CA ALA A 226 0.06 -16.36 7.94
C ALA A 226 -0.02 -16.14 6.44
N GLU A 227 -0.28 -14.91 6.01
CA GLU A 227 -0.36 -14.58 4.58
C GLU A 227 1.00 -14.16 4.09
N VAL A 228 1.47 -14.79 3.02
CA VAL A 228 2.79 -14.46 2.43
C VAL A 228 2.58 -13.55 1.23
N PHE A 229 3.30 -12.43 1.22
CA PHE A 229 3.15 -11.38 0.19
C PHE A 229 4.42 -11.39 -0.66
N GLY A 230 4.25 -11.43 -1.97
CA GLY A 230 5.40 -11.30 -2.88
C GLY A 230 4.93 -10.87 -4.25
N PRO A 231 5.86 -10.47 -5.15
CA PRO A 231 7.29 -10.33 -4.95
C PRO A 231 7.71 -8.93 -4.52
N VAL A 232 6.75 -8.07 -4.17
CA VAL A 232 7.06 -6.72 -3.63
C VAL A 232 7.80 -5.88 -4.70
N LEU A 233 7.27 -5.90 -5.92
CA LEU A 233 7.99 -5.32 -7.07
C LEU A 233 7.97 -3.79 -7.04
N TYR A 234 9.12 -3.17 -7.38
CA TYR A 234 9.23 -1.71 -7.20
C TYR A 234 8.35 -0.89 -8.14
N GLY A 235 8.06 -1.42 -9.33
CA GLY A 235 7.43 -0.59 -10.35
C GLY A 235 7.42 -1.32 -11.68
N PHE A 236 6.92 -0.64 -12.73
CA PHE A 236 6.56 -1.31 -13.95
C PHE A 236 7.74 -2.06 -14.61
N GLY A 237 8.95 -1.52 -14.54
CA GLY A 237 10.08 -2.23 -15.16
C GLY A 237 10.30 -3.62 -14.55
N ALA A 238 10.00 -3.78 -13.27
CA ALA A 238 10.07 -5.07 -12.62
C ALA A 238 8.84 -5.92 -12.97
N TYR A 239 7.65 -5.32 -13.03
CA TYR A 239 6.46 -6.06 -13.48
C TYR A 239 6.73 -6.68 -14.88
N LYS A 240 7.41 -5.92 -15.74
CA LYS A 240 7.56 -6.30 -17.15
C LYS A 240 8.52 -7.50 -17.33
N ASP A 241 9.73 -7.40 -16.80
CA ASP A 241 10.73 -8.45 -17.03
C ASP A 241 11.76 -8.48 -15.90
N LEU A 242 11.27 -8.16 -14.71
CA LEU A 242 12.13 -8.16 -13.54
C LEU A 242 13.41 -7.31 -13.77
N GLN A 243 13.22 -6.12 -14.32
CA GLN A 243 14.29 -5.17 -14.63
C GLN A 243 15.35 -5.83 -15.52
N THR A 244 14.88 -6.44 -16.61
CA THR A 244 15.80 -7.12 -17.57
C THR A 244 16.64 -8.17 -16.83
N ALA A 245 15.98 -9.07 -16.09
CA ALA A 245 16.68 -10.14 -15.39
C ALA A 245 17.55 -10.92 -16.40
N PRO A 246 18.75 -11.32 -15.98
CA PRO A 246 19.66 -11.98 -16.93
C PRO A 246 19.12 -13.25 -17.57
N ASP A 247 18.26 -13.99 -16.87
CA ASP A 247 17.63 -15.17 -17.40
C ASP A 247 16.25 -14.98 -18.05
N TRP A 248 15.79 -13.74 -18.19
CA TRP A 248 14.41 -13.53 -18.65
C TRP A 248 14.15 -14.17 -20.03
N ASP A 249 15.05 -13.95 -20.98
CA ASP A 249 14.85 -14.52 -22.33
C ASP A 249 14.72 -16.04 -22.30
N SER A 250 15.47 -16.67 -21.40
CA SER A 250 15.45 -18.12 -21.26
CA SER A 250 15.47 -18.13 -21.23
C SER A 250 14.18 -18.68 -20.61
N VAL A 251 13.51 -17.88 -19.79
CA VAL A 251 12.34 -18.40 -19.07
C VAL A 251 11.00 -17.81 -19.51
N LYS A 252 11.01 -16.76 -20.33
CA LYS A 252 9.79 -16.02 -20.59
C LYS A 252 8.75 -16.84 -21.36
N GLY A 253 9.21 -17.84 -22.10
CA GLY A 253 8.29 -18.68 -22.89
C GLY A 253 7.22 -17.84 -23.57
N ASN A 254 5.95 -18.14 -23.28
CA ASN A 254 4.83 -17.40 -23.84
C ASN A 254 4.15 -16.49 -22.82
N TYR A 255 4.93 -15.99 -21.84
CA TYR A 255 4.36 -15.12 -20.81
C TYR A 255 4.35 -13.69 -21.31
N SER A 256 3.29 -12.94 -20.98
CA SER A 256 3.21 -11.56 -21.41
C SER A 256 4.18 -10.66 -20.65
N TRP A 257 4.45 -11.04 -19.41
CA TRP A 257 5.32 -10.28 -18.52
C TRP A 257 5.70 -11.10 -17.32
N PHE A 258 6.69 -10.61 -16.55
CA PHE A 258 7.20 -11.35 -15.39
C PHE A 258 6.09 -11.65 -14.35
N VAL A 259 5.13 -10.73 -14.23
CA VAL A 259 3.98 -10.92 -13.33
C VAL A 259 3.41 -12.33 -13.54
N ASP A 260 3.20 -12.70 -14.81
CA ASP A 260 2.62 -14.01 -15.14
C ASP A 260 3.54 -15.17 -14.82
N TYR A 261 4.83 -15.01 -15.14
CA TYR A 261 5.82 -16.05 -14.84
C TYR A 261 5.83 -16.35 -13.33
N TYR A 262 5.88 -15.29 -12.54
CA TYR A 262 5.94 -15.44 -11.09
C TYR A 262 4.69 -16.15 -10.54
N LEU A 263 3.52 -15.68 -10.99
CA LEU A 263 2.26 -16.27 -10.52
C LEU A 263 2.18 -17.74 -10.87
N ASP A 264 2.52 -18.08 -12.11
CA ASP A 264 2.43 -19.47 -12.56
C ASP A 264 3.46 -20.32 -11.84
N GLN A 265 4.68 -19.80 -11.66
CA GLN A 265 5.73 -20.58 -11.00
C GLN A 265 5.45 -20.78 -9.51
N MET A 266 4.87 -19.77 -8.87
CA MET A 266 4.47 -19.91 -7.46
C MET A 266 3.31 -20.91 -7.31
N ARG A 267 2.40 -20.88 -8.29
CA ARG A 267 1.29 -21.85 -8.33
C ARG A 267 1.82 -23.27 -8.48
N LEU A 268 2.76 -23.46 -9.42
CA LEU A 268 3.41 -24.76 -9.63
CA LEU A 268 3.37 -24.76 -9.63
C LEU A 268 4.17 -25.25 -8.40
N SER A 269 4.99 -24.37 -7.81
CA SER A 269 5.72 -24.75 -6.63
C SER A 269 4.80 -25.11 -5.45
N SER A 270 3.66 -24.42 -5.36
CA SER A 270 2.68 -24.68 -4.31
C SER A 270 2.05 -26.06 -4.51
N GLN A 271 1.83 -26.45 -5.77
CA GLN A 271 1.32 -27.80 -6.06
C GLN A 271 2.23 -28.84 -5.53
N VAL A 272 3.50 -28.68 -5.87
CA VAL A 272 4.52 -29.68 -5.57
C VAL A 272 4.63 -29.82 -4.06
N GLU A 273 4.58 -28.68 -3.38
CA GLU A 273 4.72 -28.61 -1.93
CA GLU A 273 4.73 -28.65 -1.93
C GLU A 273 3.44 -29.02 -1.17
N GLY A 274 2.31 -28.99 -1.85
CA GLY A 274 1.03 -29.36 -1.23
C GLY A 274 0.45 -28.27 -0.35
N LYS A 275 0.91 -27.02 -0.52
CA LYS A 275 0.34 -25.91 0.25
C LYS A 275 0.52 -24.60 -0.48
N ARG A 276 -0.41 -23.67 -0.31
CA ARG A 276 -0.31 -22.36 -0.97
C ARG A 276 0.91 -21.61 -0.41
N LEU A 277 1.82 -21.21 -1.29
CA LEU A 277 3.05 -20.50 -0.88
C LEU A 277 3.01 -18.99 -1.17
N LEU A 278 1.99 -18.54 -1.90
CA LEU A 278 1.79 -17.12 -2.17
C LEU A 278 0.34 -16.80 -1.86
N ASP A 279 0.09 -15.84 -0.96
CA ASP A 279 -1.26 -15.44 -0.64
C ASP A 279 -1.65 -14.13 -1.30
N VAL A 280 -0.69 -13.22 -1.43
CA VAL A 280 -0.99 -11.87 -1.90
C VAL A 280 0.10 -11.44 -2.88
N PHE A 281 -0.33 -11.03 -4.06
CA PHE A 281 0.59 -10.55 -5.07
C PHE A 281 0.77 -9.07 -4.80
N ASP A 282 2.04 -8.69 -4.55
CA ASP A 282 2.42 -7.47 -3.82
C ASP A 282 3.25 -6.61 -4.78
N VAL A 283 2.73 -5.43 -5.14
CA VAL A 283 3.48 -4.45 -5.95
C VAL A 283 3.61 -3.08 -5.26
N HIS A 284 4.63 -2.33 -5.67
CA HIS A 284 4.71 -0.89 -5.39
C HIS A 284 4.37 -0.09 -6.65
N TRP A 285 3.82 1.10 -6.45
CA TRP A 285 3.37 1.92 -7.58
C TRP A 285 3.61 3.40 -7.30
N TYR A 286 4.69 3.95 -7.87
CA TYR A 286 4.92 5.37 -7.81
C TYR A 286 4.65 5.90 -9.22
N PRO A 287 3.58 6.68 -9.36
CA PRO A 287 3.20 7.16 -10.71
C PRO A 287 4.38 7.78 -11.45
N GLU A 288 4.54 7.41 -12.73
CA GLU A 288 5.48 8.09 -13.61
C GLU A 288 4.80 9.27 -14.33
N ALA A 289 3.51 9.42 -14.12
CA ALA A 289 2.74 10.56 -14.66
C ALA A 289 3.44 11.89 -14.51
N MET A 290 3.50 12.62 -15.63
CA MET A 290 4.13 13.94 -15.71
CA MET A 290 4.09 13.94 -15.62
C MET A 290 3.10 15.04 -15.96
N GLY A 291 3.41 16.23 -15.45
CA GLY A 291 2.67 17.43 -15.84
C GLY A 291 3.61 18.61 -15.68
N GLY A 292 3.54 19.56 -16.62
CA GLY A 292 4.38 20.76 -16.54
C GLY A 292 5.86 20.43 -16.47
N GLY A 293 6.23 19.30 -17.06
CA GLY A 293 7.63 18.92 -17.12
C GLY A 293 8.14 18.21 -15.89
N ILE A 294 7.23 17.81 -14.99
CA ILE A 294 7.63 17.34 -13.66
C ILE A 294 6.90 16.03 -13.32
N ARG A 295 7.63 15.05 -12.79
CA ARG A 295 6.98 13.80 -12.37
C ARG A 295 6.20 14.06 -11.08
N ILE A 296 4.93 13.63 -10.98
CA ILE A 296 4.13 14.05 -9.83
C ILE A 296 4.68 13.64 -8.47
N THR A 297 5.48 12.58 -8.45
CA THR A 297 6.00 12.09 -7.18
C THR A 297 7.27 12.84 -6.74
N ASN A 298 7.80 13.68 -7.61
CA ASN A 298 9.11 14.32 -7.34
C ASN A 298 8.98 15.62 -6.51
N GLU A 299 8.00 16.44 -6.85
CA GLU A 299 7.77 17.70 -6.17
C GLU A 299 6.37 18.20 -6.53
N VAL A 300 5.84 19.14 -5.75
CA VAL A 300 4.48 19.61 -5.97
C VAL A 300 4.30 20.11 -7.41
N GLY A 301 5.28 20.85 -7.91
CA GLY A 301 5.24 21.25 -9.33
C GLY A 301 4.38 22.48 -9.56
N ASN A 302 4.06 22.75 -10.82
CA ASN A 302 3.31 23.94 -11.19
C ASN A 302 1.85 23.55 -11.42
N ASP A 303 1.06 24.45 -12.01
CA ASP A 303 -0.37 24.15 -12.22
C ASP A 303 -0.59 22.89 -13.05
N GLU A 304 0.26 22.67 -14.05
CA GLU A 304 0.07 21.49 -14.88
C GLU A 304 0.49 20.22 -14.15
N THR A 305 1.46 20.32 -13.26
CA THR A 305 1.88 19.18 -12.44
C THR A 305 0.72 18.85 -11.48
N LYS A 306 0.10 19.87 -10.91
CA LYS A 306 -1.01 19.66 -9.96
C LYS A 306 -2.21 19.05 -10.68
N LYS A 307 -2.55 19.55 -11.88
CA LYS A 307 -3.62 18.94 -12.64
C LYS A 307 -3.34 17.47 -12.96
N ALA A 308 -2.09 17.17 -13.37
CA ALA A 308 -1.73 15.82 -13.75
C ALA A 308 -1.79 14.92 -12.52
N ARG A 309 -1.44 15.47 -11.35
CA ARG A 309 -1.48 14.67 -10.10
C ARG A 309 -2.93 14.25 -9.84
N MET A 310 -3.89 15.15 -10.04
CA MET A 310 -5.28 14.78 -9.74
C MET A 310 -5.93 13.85 -10.77
N GLN A 311 -5.42 13.85 -12.02
CA GLN A 311 -5.91 12.94 -13.06
C GLN A 311 -5.23 11.58 -12.97
N ALA A 312 -4.00 11.54 -12.47
CA ALA A 312 -3.22 10.29 -12.43
C ALA A 312 -3.91 9.05 -11.83
N PRO A 313 -4.78 9.23 -10.82
CA PRO A 313 -5.47 8.04 -10.34
C PRO A 313 -6.25 7.30 -11.43
N ARG A 314 -6.62 7.97 -12.51
CA ARG A 314 -7.35 7.29 -13.60
C ARG A 314 -6.52 6.17 -14.28
N THR A 315 -5.18 6.25 -14.18
CA THR A 315 -4.33 5.16 -14.69
C THR A 315 -4.56 3.84 -13.95
N LEU A 316 -5.11 3.95 -12.75
CA LEU A 316 -5.43 2.72 -11.99
C LEU A 316 -6.58 1.92 -12.61
N TRP A 317 -7.58 2.63 -13.17
CA TRP A 317 -8.89 2.02 -13.51
C TRP A 317 -9.50 2.33 -14.88
N ASP A 318 -9.19 3.49 -15.43
CA ASP A 318 -9.97 4.06 -16.54
C ASP A 318 -9.33 3.63 -17.88
N PRO A 319 -10.07 2.85 -18.69
CA PRO A 319 -9.54 2.47 -20.01
C PRO A 319 -9.35 3.64 -20.96
N THR A 320 -10.01 4.77 -20.70
CA THR A 320 -9.95 5.90 -21.62
C THR A 320 -8.80 6.85 -21.33
N TYR A 321 -8.07 6.62 -20.26
CA TYR A 321 -7.11 7.62 -19.81
C TYR A 321 -5.68 7.26 -20.19
N LYS A 322 -5.00 8.17 -20.87
CA LYS A 322 -3.59 7.97 -21.21
C LYS A 322 -2.76 9.06 -20.59
N GLU A 323 -2.10 8.73 -19.48
CA GLU A 323 -1.23 9.71 -18.85
C GLU A 323 0.01 10.03 -19.71
N ASP A 324 0.76 11.04 -19.28
CA ASP A 324 2.07 11.35 -19.92
C ASP A 324 3.17 10.66 -19.09
N SER A 325 3.58 9.48 -19.55
CA SER A 325 4.70 8.76 -18.93
C SER A 325 5.26 7.75 -19.94
N TRP A 326 6.47 7.26 -19.64
CA TRP A 326 7.09 6.23 -20.50
C TRP A 326 6.30 4.93 -20.46
N ILE A 327 5.57 4.68 -19.37
CA ILE A 327 4.72 3.50 -19.31
C ILE A 327 3.53 3.58 -20.28
N ALA A 328 2.80 4.71 -20.26
CA ALA A 328 1.69 4.92 -21.19
C ALA A 328 2.24 5.04 -22.61
N GLN A 329 3.44 5.59 -22.75
CA GLN A 329 4.01 5.74 -24.08
C GLN A 329 4.31 4.40 -24.75
N TRP A 330 4.95 3.47 -24.02
CA TRP A 330 5.49 2.28 -24.65
C TRP A 330 4.81 1.01 -24.22
N PHE A 331 3.95 1.07 -23.19
CA PHE A 331 3.36 -0.12 -22.60
C PHE A 331 1.89 0.10 -22.24
N SER A 332 1.15 0.86 -23.06
CA SER A 332 -0.24 1.19 -22.73
C SER A 332 -1.15 -0.02 -22.67
N GLU A 333 -0.75 -1.14 -23.25
CA GLU A 333 -1.61 -2.34 -23.22
C GLU A 333 -1.62 -2.97 -21.84
N PHE A 334 -0.74 -2.50 -20.95
CA PHE A 334 -0.76 -2.91 -19.55
C PHE A 334 -1.52 -1.94 -18.66
N LEU A 335 -2.15 -0.92 -19.27
CA LEU A 335 -2.95 0.05 -18.53
C LEU A 335 -4.42 -0.03 -18.97
N PRO A 336 -5.34 0.26 -18.05
CA PRO A 336 -5.13 0.64 -16.66
C PRO A 336 -4.60 -0.49 -15.82
N ILE A 337 -3.87 -0.14 -14.77
CA ILE A 337 -3.04 -1.13 -14.12
C ILE A 337 -3.77 -2.10 -13.21
N LEU A 338 -4.81 -1.65 -12.50
CA LEU A 338 -5.44 -2.60 -11.57
C LEU A 338 -6.20 -3.71 -12.31
N PRO A 339 -6.94 -3.37 -13.36
CA PRO A 339 -7.63 -4.49 -14.03
C PRO A 339 -6.61 -5.41 -14.71
N ARG A 340 -5.51 -4.84 -15.15
CA ARG A 340 -4.48 -5.68 -15.78
C ARG A 340 -3.81 -6.66 -14.81
N LEU A 341 -3.47 -6.16 -13.62
CA LEU A 341 -2.93 -7.02 -12.59
C LEU A 341 -3.92 -8.07 -12.18
N LYS A 342 -5.18 -7.66 -11.97
CA LYS A 342 -6.21 -8.62 -11.60
C LYS A 342 -6.44 -9.73 -12.66
N GLN A 343 -6.35 -9.37 -13.93
CA GLN A 343 -6.50 -10.30 -15.04
C GLN A 343 -5.41 -11.38 -14.93
N SER A 344 -4.19 -10.96 -14.61
CA SER A 344 -3.09 -11.89 -14.48
C SER A 344 -3.23 -12.78 -13.25
N VAL A 345 -3.58 -12.18 -12.11
CA VAL A 345 -3.72 -12.94 -10.89
C VAL A 345 -4.82 -14.01 -11.03
N ASP A 346 -5.95 -13.60 -11.58
CA ASP A 346 -7.07 -14.53 -11.73
C ASP A 346 -6.79 -15.69 -12.67
N LYS A 347 -6.06 -15.43 -13.75
CA LYS A 347 -5.62 -16.45 -14.68
C LYS A 347 -4.52 -17.38 -14.14
N TYR A 348 -3.44 -16.81 -13.62
CA TYR A 348 -2.26 -17.65 -13.34
C TYR A 348 -2.11 -18.15 -11.92
N TYR A 349 -2.81 -17.56 -10.95
CA TYR A 349 -2.84 -18.17 -9.62
C TYR A 349 -4.15 -17.80 -8.95
N PRO A 350 -5.23 -18.42 -9.41
CA PRO A 350 -6.56 -18.05 -8.95
C PRO A 350 -6.64 -18.03 -7.43
N GLY A 351 -7.35 -17.02 -6.91
CA GLY A 351 -7.59 -16.92 -5.49
C GLY A 351 -6.55 -16.06 -4.80
N THR A 352 -5.43 -15.80 -5.48
CA THR A 352 -4.40 -14.92 -4.90
C THR A 352 -4.93 -13.47 -4.81
N LYS A 353 -4.62 -12.77 -3.71
CA LYS A 353 -5.10 -11.38 -3.52
C LYS A 353 -4.09 -10.41 -4.13
N LEU A 354 -4.45 -9.14 -4.14
CA LEU A 354 -3.61 -8.09 -4.73
C LEU A 354 -3.39 -6.97 -3.71
N ALA A 355 -2.14 -6.51 -3.56
CA ALA A 355 -1.84 -5.42 -2.61
C ALA A 355 -0.89 -4.43 -3.25
N MET A 356 -1.11 -3.16 -2.95
CA MET A 356 -0.22 -2.08 -3.39
C MET A 356 0.47 -1.54 -2.14
N THR A 357 1.59 -2.16 -1.75
CA THR A 357 2.15 -1.98 -0.39
C THR A 357 3.07 -0.78 -0.22
N SER A 358 3.31 -0.05 -1.30
CA SER A 358 4.04 1.21 -1.19
C SER A 358 3.67 2.05 -2.40
N TYR A 359 3.16 3.25 -2.15
CA TYR A 359 2.75 4.15 -3.24
C TYR A 359 2.60 5.56 -2.71
N SER A 360 2.58 6.52 -3.63
CA SER A 360 2.31 7.92 -3.27
C SER A 360 2.06 8.66 -4.57
N TYR A 361 1.21 9.68 -4.50
CA TYR A 361 0.93 10.55 -5.63
C TYR A 361 1.61 11.93 -5.46
N GLY A 362 2.47 12.04 -4.44
CA GLY A 362 3.18 13.31 -4.21
C GLY A 362 2.23 14.45 -3.81
N GLY A 363 2.72 15.68 -3.83
CA GLY A 363 1.89 16.82 -3.41
C GLY A 363 1.38 16.67 -1.98
N GLU A 364 2.28 16.25 -1.09
CA GLU A 364 1.90 15.80 0.26
C GLU A 364 1.26 16.91 1.07
N ASN A 365 1.72 18.15 0.84
CA ASN A 365 1.22 19.29 1.57
C ASN A 365 0.54 20.26 0.59
N ASP A 366 -0.07 19.69 -0.44
CA ASP A 366 -0.84 20.50 -1.42
C ASP A 366 -2.22 19.91 -1.65
N ILE A 367 -3.21 20.77 -1.85
CA ILE A 367 -4.56 20.27 -2.09
C ILE A 367 -4.58 19.25 -3.23
N SER A 368 -3.71 19.40 -4.24
CA SER A 368 -3.69 18.41 -5.35
C SER A 368 -3.37 17.02 -4.83
N GLY A 369 -2.49 16.92 -3.84
CA GLY A 369 -2.14 15.61 -3.24
C GLY A 369 -3.31 15.02 -2.44
N GLY A 370 -4.04 15.90 -1.75
CA GLY A 370 -5.20 15.48 -0.98
C GLY A 370 -6.31 14.93 -1.89
N ILE A 371 -6.60 15.69 -2.94
CA ILE A 371 -7.64 15.24 -3.86
CA ILE A 371 -7.63 15.29 -3.91
C ILE A 371 -7.25 13.97 -4.61
N ALA A 372 -6.00 13.87 -5.04
CA ALA A 372 -5.55 12.63 -5.68
C ALA A 372 -5.81 11.43 -4.75
N MET A 373 -5.47 11.57 -3.47
CA MET A 373 -5.61 10.47 -2.54
C MET A 373 -7.04 10.19 -2.17
N THR A 374 -7.89 11.22 -2.13
CA THR A 374 -9.28 10.99 -1.88
CA THR A 374 -9.30 10.93 -1.88
C THR A 374 -9.89 10.17 -3.03
N ASP A 375 -9.35 10.37 -4.24
CA ASP A 375 -9.85 9.58 -5.38
C ASP A 375 -9.27 8.14 -5.27
N VAL A 376 -7.97 8.05 -5.01
CA VAL A 376 -7.27 6.74 -4.97
C VAL A 376 -7.89 5.85 -3.91
N LEU A 377 -8.21 6.36 -2.72
CA LEU A 377 -8.77 5.45 -1.72
C LEU A 377 -10.13 4.88 -2.18
N GLY A 378 -10.94 5.72 -2.83
CA GLY A 378 -12.24 5.26 -3.39
C GLY A 378 -12.02 4.17 -4.45
N ILE A 379 -11.07 4.45 -5.34
CA ILE A 379 -10.75 3.56 -6.44
C ILE A 379 -10.24 2.21 -5.91
N LEU A 380 -9.27 2.23 -4.99
CA LEU A 380 -8.74 0.97 -4.48
C LEU A 380 -9.85 0.16 -3.85
N GLY A 381 -10.73 0.85 -3.13
CA GLY A 381 -11.74 0.12 -2.36
C GLY A 381 -12.64 -0.69 -3.28
N LYS A 382 -12.97 -0.15 -4.45
CA LYS A 382 -13.94 -0.76 -5.33
C LYS A 382 -13.37 -1.49 -6.54
N ASN A 383 -12.04 -1.69 -6.55
CA ASN A 383 -11.35 -2.43 -7.59
C ASN A 383 -10.63 -3.67 -7.07
N ASP A 384 -11.18 -4.25 -6.00
CA ASP A 384 -10.73 -5.58 -5.55
C ASP A 384 -9.29 -5.58 -5.06
N VAL A 385 -8.85 -4.46 -4.49
CA VAL A 385 -7.52 -4.43 -3.86
C VAL A 385 -7.65 -4.79 -2.39
N TYR A 386 -6.86 -5.77 -1.96
CA TYR A 386 -6.94 -6.26 -0.59
C TYR A 386 -6.29 -5.32 0.42
N MET A 387 -5.17 -4.73 0.08
CA MET A 387 -4.38 -3.98 1.05
C MET A 387 -3.58 -2.93 0.29
N ALA A 388 -3.43 -1.75 0.89
CA ALA A 388 -2.64 -0.70 0.24
C ALA A 388 -2.02 0.14 1.32
N ASN A 389 -0.75 0.53 1.13
CA ASN A 389 0.03 1.20 2.19
C ASN A 389 0.78 2.41 1.58
N TYR A 390 0.31 3.60 1.93
CA TYR A 390 0.99 4.84 1.53
C TYR A 390 2.46 4.84 2.00
N TRP A 391 3.32 5.43 1.18
CA TRP A 391 4.73 5.64 1.57
C TRP A 391 5.04 7.15 1.57
N LYS A 392 5.63 7.65 2.66
CA LYS A 392 6.02 9.06 2.70
C LYS A 392 7.28 9.35 1.84
N LEU A 393 7.10 10.02 0.71
CA LEU A 393 8.22 10.47 -0.11
C LEU A 393 8.82 11.76 0.44
N LYS A 394 8.05 12.47 1.28
CA LYS A 394 8.53 13.70 1.92
C LYS A 394 8.46 13.50 3.41
N ASP A 395 9.53 13.87 4.12
CA ASP A 395 9.53 13.71 5.56
C ASP A 395 8.72 14.82 6.25
N GLY A 396 8.49 14.64 7.55
CA GLY A 396 7.70 15.60 8.35
C GLY A 396 6.22 15.45 8.04
N VAL A 397 5.42 16.48 8.30
CA VAL A 397 3.96 16.32 8.08
C VAL A 397 3.65 16.12 6.59
N ASN A 398 2.59 15.35 6.32
CA ASN A 398 2.06 15.22 4.97
C ASN A 398 0.57 15.56 5.13
N ASN A 399 0.30 16.84 5.25
CA ASN A 399 -0.99 17.29 5.79
C ASN A 399 -2.15 16.90 4.91
N TYR A 400 -1.97 16.98 3.59
CA TYR A 400 -3.10 16.70 2.68
C TYR A 400 -3.30 15.21 2.41
N VAL A 401 -2.23 14.41 2.57
CA VAL A 401 -2.43 12.95 2.57
C VAL A 401 -3.21 12.52 3.80
N SER A 402 -2.83 13.04 4.96
CA SER A 402 -3.54 12.71 6.19
CA SER A 402 -3.54 12.73 6.19
C SER A 402 -4.98 13.16 6.06
N ALA A 403 -5.22 14.32 5.45
CA ALA A 403 -6.61 14.79 5.23
C ALA A 403 -7.47 13.79 4.45
N ALA A 404 -6.88 13.22 3.41
CA ALA A 404 -7.60 12.24 2.57
C ALA A 404 -7.98 11.02 3.40
N TYR A 405 -7.04 10.48 4.18
CA TYR A 405 -7.39 9.34 5.04
C TYR A 405 -8.48 9.72 6.04
N LYS A 406 -8.32 10.86 6.69
CA LYS A 406 -9.29 11.27 7.71
C LYS A 406 -10.67 11.47 7.05
N LEU A 407 -10.71 11.97 5.82
CA LEU A 407 -12.01 12.15 5.18
C LEU A 407 -12.77 10.81 5.04
N TYR A 408 -12.03 9.73 4.81
CA TYR A 408 -12.61 8.37 4.75
C TYR A 408 -12.81 7.72 6.12
N ARG A 409 -11.91 8.02 7.09
CA ARG A 409 -11.79 7.14 8.26
C ARG A 409 -11.92 7.85 9.60
N ASN A 410 -11.98 9.19 9.60
CA ASN A 410 -12.17 9.92 10.84
C ASN A 410 -12.66 11.31 10.51
N TYR A 411 -13.82 11.38 9.87
CA TYR A 411 -14.24 12.63 9.26
C TYR A 411 -14.81 13.60 10.30
N ASP A 412 -15.18 13.04 11.45
CA ASP A 412 -15.85 13.81 12.48
C ASP A 412 -15.08 13.94 13.78
N GLY A 413 -13.83 13.47 13.82
CA GLY A 413 -13.08 13.43 15.08
C GLY A 413 -13.46 12.30 16.03
N LYS A 414 -14.41 11.47 15.62
CA LYS A 414 -14.85 10.36 16.44
C LYS A 414 -14.56 9.03 15.77
N ASN A 415 -13.72 9.06 14.73
CA ASN A 415 -13.36 7.86 13.98
C ASN A 415 -14.58 7.28 13.24
N SER A 416 -15.55 8.11 12.90
CA SER A 416 -16.57 7.68 11.94
C SER A 416 -15.97 7.47 10.56
N THR A 417 -16.51 6.50 9.83
CA THR A 417 -15.87 6.08 8.58
C THR A 417 -16.84 5.99 7.42
N PHE A 418 -16.29 6.02 6.21
CA PHE A 418 -16.92 5.45 5.01
C PHE A 418 -17.47 4.05 5.26
N GLY A 419 -18.46 3.66 4.46
CA GLY A 419 -19.07 2.35 4.68
C GLY A 419 -18.18 1.21 4.23
N ASP A 420 -18.56 -0.02 4.60
CA ASP A 420 -17.78 -1.20 4.25
C ASP A 420 -18.16 -1.82 2.92
N THR A 421 -19.22 -1.30 2.33
CA THR A 421 -19.76 -1.85 1.10
C THR A 421 -19.79 -0.77 0.01
N SER A 422 -18.98 -0.92 -1.04
CA SER A 422 -19.04 0.00 -2.19
C SER A 422 -20.38 -0.16 -2.89
N VAL A 423 -20.95 0.94 -3.36
CA VAL A 423 -22.11 0.84 -4.25
C VAL A 423 -21.93 1.76 -5.44
N SER A 424 -22.71 1.56 -6.50
CA SER A 424 -22.50 2.27 -7.75
C SER A 424 -22.68 3.79 -7.59
N ALA A 425 -21.68 4.52 -8.06
CA ALA A 425 -21.76 5.98 -8.13
C ALA A 425 -21.16 6.40 -9.47
N GLN A 426 -21.95 7.08 -10.29
CA GLN A 426 -21.53 7.46 -11.64
C GLN A 426 -21.65 8.98 -11.75
N THR A 427 -20.68 9.61 -12.40
CA THR A 427 -20.72 11.04 -12.63
C THR A 427 -20.74 11.32 -14.13
N SER A 428 -21.35 12.44 -14.51
CA SER A 428 -21.38 12.85 -15.91
C SER A 428 -20.07 13.49 -16.37
N ASP A 429 -19.15 13.75 -15.44
CA ASP A 429 -17.89 14.39 -15.82
C ASP A 429 -16.71 13.80 -15.05
N ILE A 430 -16.05 12.82 -15.66
CA ILE A 430 -14.99 12.09 -14.95
C ILE A 430 -13.68 12.85 -14.91
N VAL A 431 -13.60 13.97 -15.62
CA VAL A 431 -12.37 14.79 -15.62
C VAL A 431 -12.38 15.75 -14.42
N ASN A 432 -13.46 16.52 -14.31
CA ASN A 432 -13.54 17.52 -13.26
C ASN A 432 -14.03 17.00 -11.94
N SER A 433 -14.63 15.80 -11.92
CA SER A 433 -15.13 15.26 -10.64
C SER A 433 -14.73 13.79 -10.48
N SER A 434 -14.77 13.33 -9.24
CA SER A 434 -14.80 11.90 -8.95
C SER A 434 -15.74 11.71 -7.78
N VAL A 435 -16.31 10.52 -7.66
CA VAL A 435 -17.29 10.28 -6.62
C VAL A 435 -17.33 8.78 -6.27
N HIS A 436 -17.41 8.51 -4.98
CA HIS A 436 -17.44 7.15 -4.46
C HIS A 436 -18.51 7.02 -3.40
N ALA A 437 -19.27 5.92 -3.45
CA ALA A 437 -20.40 5.77 -2.55
C ALA A 437 -20.29 4.47 -1.78
N SER A 438 -20.89 4.44 -0.60
CA SER A 438 -20.86 3.22 0.21
C SER A 438 -21.99 3.20 1.21
N VAL A 439 -22.36 1.99 1.64
CA VAL A 439 -23.21 1.77 2.81
C VAL A 439 -22.52 0.75 3.73
N THR A 440 -23.11 0.44 4.89
CA THR A 440 -22.58 -0.63 5.75
C THR A 440 -23.67 -1.68 5.99
N ASN A 441 -23.32 -2.96 5.84
CA ASN A 441 -24.28 -4.06 6.14
C ASN A 441 -25.60 -3.83 5.38
N ALA A 442 -25.47 -3.38 4.13
CA ALA A 442 -26.63 -3.12 3.25
C ALA A 442 -27.59 -2.08 3.80
N SER A 443 -27.05 -1.11 4.55
CA SER A 443 -27.89 -0.17 5.26
C SER A 443 -28.89 0.49 4.32
N ASP A 444 -30.14 0.58 4.78
CA ASP A 444 -31.05 1.52 4.17
C ASP A 444 -31.28 2.74 5.09
N LYS A 445 -30.44 2.87 6.13
CA LYS A 445 -30.52 4.02 7.07
C LYS A 445 -29.50 5.13 6.74
N GLU A 446 -28.31 4.75 6.30
CA GLU A 446 -27.24 5.75 6.17
C GLU A 446 -26.50 5.53 4.85
N LEU A 447 -26.20 6.60 4.11
CA LEU A 447 -25.48 6.48 2.84
C LEU A 447 -24.29 7.46 2.83
N HIS A 448 -23.12 6.98 2.41
CA HIS A 448 -21.88 7.77 2.47
C HIS A 448 -21.48 8.10 1.05
N LEU A 449 -21.18 9.38 0.79
CA LEU A 449 -20.71 9.79 -0.53
C LEU A 449 -19.46 10.62 -0.36
N VAL A 450 -18.39 10.25 -1.04
CA VAL A 450 -17.19 11.12 -1.09
C VAL A 450 -17.12 11.69 -2.49
N VAL A 451 -17.17 13.01 -2.58
CA VAL A 451 -17.18 13.69 -3.89
C VAL A 451 -16.08 14.77 -3.93
N MET A 452 -15.49 14.96 -5.09
CA MET A 452 -14.43 15.96 -5.19
C MET A 452 -14.47 16.71 -6.50
N ASN A 453 -14.04 17.98 -6.45
CA ASN A 453 -13.85 18.81 -7.64
C ASN A 453 -12.37 19.03 -7.89
N LYS A 454 -11.89 18.47 -9.01
CA LYS A 454 -10.48 18.54 -9.42
CA LYS A 454 -10.47 18.55 -9.42
C LYS A 454 -10.17 19.81 -10.23
N SER A 455 -11.21 20.55 -10.60
CA SER A 455 -10.97 21.82 -11.33
C SER A 455 -10.21 22.80 -10.46
N MET A 456 -9.24 23.48 -11.06
CA MET A 456 -8.50 24.49 -10.32
CA MET A 456 -8.45 24.51 -10.37
C MET A 456 -9.25 25.81 -10.28
N ASP A 457 -10.24 25.98 -11.14
CA ASP A 457 -10.85 27.30 -11.46
CA ASP A 457 -10.86 27.29 -11.16
C ASP A 457 -12.37 27.38 -11.23
N SER A 458 -13.05 26.25 -11.46
CA SER A 458 -14.51 26.32 -11.61
C SER A 458 -15.28 25.43 -10.64
N ALA A 459 -16.19 26.02 -9.87
CA ALA A 459 -17.12 25.25 -9.05
C ALA A 459 -18.06 24.50 -9.97
N PHE A 460 -18.71 23.46 -9.46
CA PHE A 460 -19.89 22.92 -10.12
C PHE A 460 -21.01 22.68 -9.13
N ASP A 461 -22.24 22.65 -9.61
CA ASP A 461 -23.36 22.21 -8.79
C ASP A 461 -23.54 20.72 -9.10
N ALA A 462 -23.37 19.86 -8.10
CA ALA A 462 -23.58 18.42 -8.28
C ALA A 462 -25.03 18.12 -7.99
N GLN A 463 -25.74 17.60 -8.98
CA GLN A 463 -27.13 17.20 -8.83
C GLN A 463 -27.14 15.70 -8.59
N PHE A 464 -27.44 15.28 -7.36
CA PHE A 464 -27.42 13.86 -6.99
C PHE A 464 -28.81 13.23 -7.17
N ASP A 465 -28.82 12.04 -7.77
CA ASP A 465 -30.05 11.25 -7.93
C ASP A 465 -29.78 9.93 -7.22
N LEU A 466 -30.55 9.64 -6.16
CA LEU A 466 -30.28 8.48 -5.28
C LEU A 466 -31.32 7.39 -5.48
N SER A 467 -30.88 6.13 -5.57
CA SER A 467 -31.78 4.99 -5.52
CA SER A 467 -31.79 4.99 -5.52
C SER A 467 -31.54 4.19 -4.26
N GLY A 468 -32.59 4.02 -3.47
CA GLY A 468 -32.49 3.31 -2.21
C GLY A 468 -33.86 2.78 -1.77
N ALA A 469 -33.85 1.96 -0.74
CA ALA A 469 -35.06 1.30 -0.27
C ALA A 469 -35.93 2.27 0.54
N LYS A 470 -35.29 3.27 1.16
CA LYS A 470 -36.00 4.26 1.94
C LYS A 470 -35.66 5.66 1.42
N THR A 471 -36.42 6.64 1.89
CA THR A 471 -36.24 8.01 1.45
C THR A 471 -35.23 8.67 2.37
N TYR A 472 -34.16 9.18 1.77
CA TYR A 472 -33.18 10.01 2.48
C TYR A 472 -33.79 11.38 2.71
N ILE A 473 -33.69 11.88 3.94
CA ILE A 473 -34.39 13.13 4.27
C ILE A 473 -33.45 14.28 4.56
N SER A 474 -32.24 13.98 5.02
CA SER A 474 -31.28 15.05 5.34
C SER A 474 -29.86 14.53 5.27
N GLY A 475 -28.90 15.44 5.34
CA GLY A 475 -27.50 15.05 5.21
C GLY A 475 -26.58 15.97 5.98
N LYS A 476 -25.45 15.45 6.43
CA LYS A 476 -24.40 16.26 7.04
C LYS A 476 -23.19 16.16 6.14
N VAL A 477 -22.32 17.16 6.17
CA VAL A 477 -21.26 17.28 5.17
C VAL A 477 -19.99 17.69 5.92
N TRP A 478 -18.86 17.09 5.55
CA TRP A 478 -17.53 17.45 6.11
C TRP A 478 -16.59 17.55 4.92
N GLY A 479 -15.55 18.36 5.00
CA GLY A 479 -14.70 18.50 3.83
C GLY A 479 -13.38 19.17 4.12
N PHE A 480 -12.51 19.18 3.13
CA PHE A 480 -11.27 19.97 3.21
C PHE A 480 -11.08 20.59 1.85
N ASP A 481 -10.25 21.61 1.77
CA ASP A 481 -10.04 22.30 0.52
C ASP A 481 -8.67 22.97 0.56
N LYS A 482 -8.41 23.91 -0.35
CA LYS A 482 -7.08 24.54 -0.42
C LYS A 482 -6.78 25.47 0.76
N ASN A 483 -7.82 25.86 1.49
CA ASN A 483 -7.66 26.82 2.58
C ASN A 483 -7.37 26.13 3.90
N SER A 484 -7.81 24.87 4.03
CA SER A 484 -7.72 24.17 5.29
C SER A 484 -7.63 22.67 5.04
N SER A 485 -6.54 22.07 5.50
CA SER A 485 -6.38 20.64 5.45
C SER A 485 -7.13 19.91 6.56
N GLN A 486 -7.45 20.58 7.67
CA GLN A 486 -8.30 19.96 8.68
C GLN A 486 -9.68 19.70 8.11
N ILE A 487 -10.31 18.63 8.58
CA ILE A 487 -11.64 18.28 8.06
C ILE A 487 -12.67 19.13 8.82
N LYS A 488 -13.34 20.05 8.14
CA LYS A 488 -14.33 20.90 8.84
C LYS A 488 -15.75 20.47 8.50
N GLU A 489 -16.70 20.65 9.44
CA GLU A 489 -18.12 20.51 9.13
CA GLU A 489 -18.13 20.54 9.16
CA GLU A 489 -18.09 20.47 9.07
C GLU A 489 -18.52 21.60 8.14
N ALA A 490 -19.31 21.22 7.14
CA ALA A 490 -19.77 22.15 6.12
C ALA A 490 -21.28 22.32 6.28
N ALA A 491 -21.88 23.21 5.48
CA ALA A 491 -23.34 23.40 5.57
C ALA A 491 -24.12 22.10 5.30
N PRO A 492 -25.13 21.82 6.14
CA PRO A 492 -25.88 20.58 6.01
C PRO A 492 -26.79 20.59 4.78
N ILE A 493 -27.32 19.41 4.48
CA ILE A 493 -28.33 19.22 3.47
C ILE A 493 -29.64 19.05 4.26
N THR A 494 -30.44 20.11 4.30
CA THR A 494 -31.52 20.19 5.30
C THR A 494 -32.85 19.71 4.73
N GLN A 495 -32.93 19.71 3.39
CA GLN A 495 -34.13 19.25 2.69
C GLN A 495 -33.74 18.48 1.43
N ILE A 496 -34.24 17.25 1.32
CA ILE A 496 -34.06 16.42 0.15
C ILE A 496 -35.44 16.02 -0.32
N SER A 497 -35.69 16.11 -1.62
CA SER A 497 -37.01 15.83 -2.16
C SER A 497 -36.95 14.75 -3.23
N GLY A 498 -37.70 13.67 -3.00
CA GLY A 498 -37.73 12.53 -3.92
C GLY A 498 -36.35 11.95 -4.17
N ASN A 499 -35.54 11.88 -3.12
CA ASN A 499 -34.16 11.34 -3.20
C ASN A 499 -33.27 12.03 -4.26
N ARG A 500 -33.49 13.33 -4.43
CA ARG A 500 -32.61 14.14 -5.26
C ARG A 500 -32.22 15.37 -4.47
N PHE A 501 -30.95 15.77 -4.58
CA PHE A 501 -30.53 17.04 -3.97
C PHE A 501 -29.37 17.61 -4.74
N THR A 502 -29.11 18.90 -4.55
CA THR A 502 -28.00 19.54 -5.22
C THR A 502 -27.07 20.11 -4.15
N TYR A 503 -25.76 20.04 -4.41
CA TYR A 503 -24.77 20.61 -3.49
C TYR A 503 -23.67 21.20 -4.34
N THR A 504 -23.22 22.41 -4.02
CA THR A 504 -22.18 23.03 -4.82
C THR A 504 -20.83 22.54 -4.31
N VAL A 505 -19.95 22.13 -5.22
CA VAL A 505 -18.57 21.76 -4.86
C VAL A 505 -17.62 22.80 -5.46
N PRO A 506 -17.00 23.62 -4.61
CA PRO A 506 -16.05 24.62 -5.11
C PRO A 506 -14.83 23.94 -5.73
N PRO A 507 -14.00 24.70 -6.47
CA PRO A 507 -12.79 24.11 -7.04
C PRO A 507 -11.91 23.53 -5.91
N LEU A 508 -11.15 22.49 -6.25
CA LEU A 508 -10.15 21.94 -5.31
C LEU A 508 -10.74 21.70 -3.94
N THR A 509 -11.88 20.99 -3.88
CA THR A 509 -12.56 20.69 -2.60
C THR A 509 -13.00 19.22 -2.60
N ALA A 510 -12.87 18.56 -1.44
CA ALA A 510 -13.39 17.20 -1.28
C ALA A 510 -14.35 17.20 -0.13
N TYR A 511 -15.53 16.58 -0.30
CA TYR A 511 -16.51 16.46 0.80
C TYR A 511 -16.83 14.98 1.02
N HIS A 512 -17.19 14.68 2.27
CA HIS A 512 -17.83 13.43 2.66
C HIS A 512 -19.22 13.80 3.13
N ILE A 513 -20.21 13.36 2.36
CA ILE A 513 -21.64 13.60 2.68
C ILE A 513 -22.25 12.33 3.29
N VAL A 514 -22.95 12.48 4.42
CA VAL A 514 -23.58 11.33 5.10
C VAL A 514 -25.08 11.60 5.12
N LEU A 515 -25.82 10.82 4.34
CA LEU A 515 -27.28 11.01 4.23
C LEU A 515 -27.99 10.02 5.14
N THR A 516 -29.11 10.45 5.74
CA THR A 516 -29.85 9.61 6.65
C THR A 516 -31.34 9.60 6.27
N THR A 517 -32.00 8.49 6.62
CA THR A 517 -33.44 8.32 6.37
C THR A 517 -34.26 8.74 7.61
N GLY A 518 -33.59 8.91 8.74
CA GLY A 518 -34.29 9.20 10.00
C2 BGC B . 11.32 0.18 -26.48
C3 BGC B . 11.08 0.91 -25.16
C4 BGC B . 11.97 2.15 -25.00
C5 BGC B . 11.85 3.00 -26.27
C6 BGC B . 12.70 4.26 -26.22
C1 BGC B . 11.28 1.17 -27.64
O1 BGC B . 11.59 0.55 -28.89
O2 BGC B . 10.33 -0.82 -26.65
O3 BGC B . 11.28 0.04 -24.04
O4 BGC B . 11.49 2.92 -23.91
O5 BGC B . 12.25 2.20 -27.38
O6 BGC B . 14.07 3.86 -26.20
C2 BGC B . 11.92 4.03 -21.84
C3 BGC B . 12.71 3.96 -20.56
C4 BGC B . 12.49 2.61 -19.84
C5 BGC B . 12.68 1.47 -20.83
C6 BGC B . 12.33 0.11 -20.21
C1 BGC B . 12.26 2.84 -22.72
O2 BGC B . 12.26 5.23 -22.52
O3 BGC B . 12.42 5.07 -19.70
O4 BGC B . 13.48 2.48 -18.83
O5 BGC B . 11.89 1.65 -22.00
O6 BGC B . 12.16 -0.82 -21.29
C2 BGC B . 13.98 2.04 -16.50
C3 BGC B . 13.48 2.25 -15.10
C4 BGC B . 13.21 3.74 -14.87
C5 BGC B . 12.43 4.37 -15.99
C6 BGC B . 12.37 5.89 -15.83
C1 BGC B . 13.01 2.66 -17.51
O2 BGC B . 14.15 0.65 -16.73
O3 BGC B . 14.47 1.84 -14.14
O4 BGC B . 12.45 3.87 -13.68
O5 BGC B . 13.00 4.06 -17.25
O6 BGC B . 13.72 6.37 -15.75
C2 BGC B . 12.14 4.83 -11.59
C3 BGC B . 12.75 5.21 -10.25
C4 BGC B . 13.51 4.02 -9.63
C5 BGC B . 14.51 3.56 -10.71
C6 BGC B . 15.41 2.39 -10.29
C1 BGC B . 13.18 4.27 -12.53
O2 BGC B . 11.54 5.97 -12.25
O3 BGC B . 11.67 5.55 -9.37
O4 BGC B . 14.13 4.37 -8.37
O5 BGC B . 13.83 3.15 -11.90
O6 BGC B . 16.36 2.18 -11.33
C2 BGC B . 14.97 3.58 -6.22
C3 BGC B . 14.66 2.60 -5.08
C4 BGC B . 13.33 2.97 -4.44
C5 BGC B . 12.23 3.21 -5.47
C6 BGC B . 11.02 3.81 -4.76
C1 BGC B . 13.80 3.58 -7.21
O2 BGC B . 16.17 3.21 -6.91
O3 BGC B . 15.69 2.65 -4.09
O4 BGC B . 12.88 2.02 -3.47
O5 BGC B . 12.69 4.10 -6.50
O6 BGC B . 11.43 4.86 -3.87
C1 XYS B . 17.69 2.06 -10.76
C2 XYS B . 18.75 2.35 -11.81
C3 XYS B . 18.52 1.41 -12.97
C4 XYS B . 18.70 -0.02 -12.46
C5 XYS B . 17.79 -0.30 -11.26
O2 XYS B . 18.67 3.71 -12.24
O3 XYS B . 19.53 1.62 -13.96
O4 XYS B . 18.44 -0.90 -13.56
O5 XYS B . 17.88 0.73 -10.26
CA CA C . 22.70 -15.60 15.29
CL CL D . 11.50 -5.12 -7.69
S SO4 E . -12.67 -1.38 10.26
O1 SO4 E . -13.63 -1.31 11.36
O2 SO4 E . -13.24 -0.67 9.11
O3 SO4 E . -11.40 -0.79 10.69
O4 SO4 E . -12.44 -2.80 9.96
S SO4 F . 15.52 -19.97 25.12
O1 SO4 F . 14.34 -20.42 24.38
O2 SO4 F . 15.98 -21.01 26.02
O3 SO4 F . 16.61 -19.62 24.20
O4 SO4 F . 15.22 -18.78 25.89
C1 EDO G . -3.29 12.18 16.83
O1 EDO G . -3.50 10.85 17.30
C2 EDO G . -3.33 13.08 18.06
O2 EDO G . -3.67 12.33 19.23
C1 EDO H . 6.50 1.43 10.22
O1 EDO H . 5.71 2.00 11.27
C2 EDO H . 7.92 1.93 10.43
O2 EDO H . 8.02 3.21 9.80
C1 EDO I . -0.52 -23.11 13.48
O1 EDO I . -1.08 -22.13 12.57
C2 EDO I . 0.80 -23.65 12.95
O2 EDO I . 0.76 -23.87 11.54
C1 EDO J . -3.65 24.95 -5.94
O1 EDO J . -3.22 26.17 -6.53
C2 EDO J . -2.91 24.80 -4.63
O2 EDO J . -1.50 24.78 -4.88
C1 EDO K . 0.15 -15.65 24.22
O1 EDO K . 0.50 -16.79 25.00
C2 EDO K . -0.60 -16.12 22.98
O2 EDO K . -0.25 -17.49 22.71
C1 EDO L . 11.01 0.72 7.73
O1 EDO L . 11.73 0.26 6.58
C2 EDO L . 11.40 2.18 7.93
O2 EDO L . 10.88 2.95 6.84
C1 EDO M . 17.35 5.77 5.47
O1 EDO M . 17.55 4.34 5.39
C2 EDO M . 17.53 6.23 6.93
O2 EDO M . 18.91 6.19 7.30
C1 EDO N . 9.16 -4.56 22.72
O1 EDO N . 7.93 -5.15 22.27
C2 EDO N . 9.05 -3.06 22.98
O2 EDO N . 10.37 -2.51 22.80
C1 EDO O . 9.41 12.75 11.27
O1 EDO O . 9.26 14.15 11.46
C2 EDO O . 8.59 12.33 10.06
O2 EDO O . 9.44 12.39 8.90
#